data_5J9H
#
_entry.id   5J9H
#
_cell.length_a   138.521
_cell.length_b   138.521
_cell.length_c   138.521
_cell.angle_alpha   90.000
_cell.angle_beta   90.000
_cell.angle_gamma   90.000
#
_symmetry.space_group_name_H-M   'I 21 3'
#
loop_
_entity.id
_entity.type
_entity.pdbx_description
1 polymer 'Envelopment polyprotein'
2 branched beta-D-mannopyranose-(1-4)-2-acetamido-2-deoxy-beta-D-glucopyranose-(1-4)-2-acetamido-2-deoxy-beta-D-glucopyranose
3 non-polymer 'SULFATE ION'
4 water water
#
_entity_poly.entity_id   1
_entity_poly.type   'polypeptide(L)'
_entity_poly.pdbx_seq_one_letter_code
;ETQNLNAGWTDTAHGSGIIPMKTDLELDFSLPSSASYTYRRQLQNPANEQEKIPFHLQLSKQVIHAEIQHLGHWMDATFN
LKTAFHCYGSCEKYAYPWQTAGCFIEKDYEYETGWGCNPPDCPGVGTGCTACGVYLDKLKSVGKVFKIVSLRYTRKVCIQ
LGTEQTCKTVDSNDCLITTSVKVCLIGTISKFQPSDTLLFLGPLQQGGLIFKQWCTTTCQFGDPGDIMSTPTGMKCPELN
GSFRKKCAFATTPVCQFDGNTISGYKRMIATKDSFQSFNVTEPHISTSALEWIDPDSSLRDHINVIVSRDLSFQDLSETP
CQIDLATASIDGAWGSGVGFNLVCTVSLTECSAFLTSIKACDAAMCYGSTTANLVRGQNTIHIVGKGGHSGSKFMCCHDT
KCSSTGLVAAAPHLDRVTGYNQADSDKIFDDGAPECGMSCWFKKSGEW
;
_entity_poly.pdbx_strand_id   A
#
loop_
_chem_comp.id
_chem_comp.type
_chem_comp.name
_chem_comp.formula
BMA D-saccharide, beta linking beta-D-mannopyranose 'C6 H12 O6'
NAG D-saccharide, beta linking 2-acetamido-2-deoxy-beta-D-glucopyranose 'C8 H15 N O6'
SO4 non-polymer 'SULFATE ION' 'O4 S -2'
#
# COMPACT_ATOMS: atom_id res chain seq x y z
N GLY A 8 -19.76 31.80 7.05
CA GLY A 8 -18.71 30.72 7.13
C GLY A 8 -18.98 29.59 6.16
N TRP A 9 -18.85 29.89 4.86
CA TRP A 9 -19.16 28.92 3.80
C TRP A 9 -18.20 27.71 3.76
N THR A 10 -18.79 26.54 3.48
CA THR A 10 -18.03 25.33 3.11
C THR A 10 -18.85 24.54 2.09
N ASP A 11 -18.16 23.80 1.21
CA ASP A 11 -18.80 22.83 0.30
C ASP A 11 -18.56 21.36 0.69
N THR A 12 -18.06 21.14 1.92
CA THR A 12 -17.60 19.81 2.38
C THR A 12 -18.67 18.93 3.03
N ALA A 13 -19.80 19.51 3.43
CA ALA A 13 -20.97 18.74 3.91
C ALA A 13 -21.67 18.13 2.71
N HIS A 14 -21.52 16.81 2.54
CA HIS A 14 -22.17 16.06 1.47
C HIS A 14 -23.44 15.40 2.00
N GLY A 15 -24.56 16.09 1.79
CA GLY A 15 -25.88 15.53 2.05
C GLY A 15 -26.96 16.60 1.91
N SER A 16 -28.03 16.45 2.65
CA SER A 16 -29.20 17.28 2.43
C SER A 16 -29.95 17.68 3.69
N GLY A 17 -30.63 18.82 3.59
CA GLY A 17 -31.65 19.25 4.56
C GLY A 17 -33.01 18.90 4.00
N ILE A 18 -33.87 18.34 4.85
CA ILE A 18 -35.14 17.75 4.43
C ILE A 18 -36.28 18.16 5.37
N ILE A 19 -37.48 18.36 4.81
CA ILE A 19 -38.74 18.36 5.59
C ILE A 19 -39.28 16.93 5.50
N PRO A 20 -39.40 16.22 6.64
CA PRO A 20 -39.82 14.81 6.57
C PRO A 20 -41.23 14.52 6.04
N MET A 21 -42.18 15.45 6.20
CA MET A 21 -43.53 15.28 5.62
C MET A 21 -43.57 15.39 4.07
N LYS A 22 -42.52 15.97 3.49
CA LYS A 22 -42.37 16.09 2.04
C LYS A 22 -41.37 15.09 1.47
N THR A 23 -41.18 13.96 2.15
CA THR A 23 -40.35 12.86 1.64
C THR A 23 -41.23 11.74 1.11
N ASP A 24 -40.81 11.17 -0.01
CA ASP A 24 -41.59 10.16 -0.74
C ASP A 24 -41.19 8.74 -0.38
N LEU A 25 -39.90 8.50 -0.14
CA LEU A 25 -39.37 7.16 0.05
C LEU A 25 -38.11 7.19 0.94
N GLU A 26 -37.97 6.18 1.79
CA GLU A 26 -36.72 5.94 2.52
C GLU A 26 -36.35 4.45 2.46
N LEU A 27 -35.17 4.16 1.91
CA LEU A 27 -34.55 2.83 2.02
C LEU A 27 -33.49 2.92 3.10
N ASP A 28 -33.35 1.85 3.87
CA ASP A 28 -32.41 1.80 4.98
C ASP A 28 -32.13 0.34 5.34
N PHE A 29 -30.88 -0.06 5.26
CA PHE A 29 -30.51 -1.48 5.35
C PHE A 29 -29.01 -1.68 5.47
N SER A 30 -28.61 -2.89 5.86
CA SER A 30 -27.20 -3.30 5.82
C SER A 30 -26.98 -4.20 4.61
N LEU A 31 -25.80 -4.08 4.00
CA LEU A 31 -25.44 -4.83 2.81
C LEU A 31 -23.99 -5.30 2.93
N PRO A 32 -23.71 -6.58 2.58
CA PRO A 32 -22.30 -7.01 2.49
C PRO A 32 -21.51 -6.23 1.43
N SER A 33 -20.25 -5.93 1.72
CA SER A 33 -19.37 -5.24 0.76
C SER A 33 -19.30 -5.93 -0.59
N SER A 34 -19.21 -7.26 -0.55
CA SER A 34 -19.18 -8.09 -1.77
C SER A 34 -20.51 -8.20 -2.53
N ALA A 35 -21.60 -7.68 -1.97
CA ALA A 35 -22.93 -7.70 -2.62
C ALA A 35 -23.23 -6.40 -3.36
N SER A 36 -23.77 -6.55 -4.57
CA SER A 36 -24.47 -5.48 -5.29
C SER A 36 -25.98 -5.52 -4.94
N TYR A 37 -26.72 -4.49 -5.36
CA TYR A 37 -28.15 -4.40 -5.03
C TYR A 37 -28.92 -3.50 -6.01
N THR A 38 -30.12 -3.92 -6.38
CA THR A 38 -30.97 -3.22 -7.36
C THR A 38 -32.35 -3.05 -6.79
N TYR A 39 -32.92 -1.85 -6.96
CA TYR A 39 -34.26 -1.55 -6.47
C TYR A 39 -35.04 -0.69 -7.45
N ARG A 40 -36.22 -1.18 -7.83
CA ARG A 40 -37.17 -0.45 -8.67
C ARG A 40 -38.43 -0.24 -7.84
N ARG A 41 -39.05 0.93 -7.98
CA ARG A 41 -40.40 1.16 -7.45
C ARG A 41 -41.06 2.37 -8.12
N GLN A 42 -42.33 2.22 -8.48
CA GLN A 42 -43.15 3.35 -8.90
C GLN A 42 -43.62 4.08 -7.65
N LEU A 43 -43.18 5.31 -7.46
CA LEU A 43 -43.59 6.14 -6.32
C LEU A 43 -44.70 7.08 -6.72
N GLN A 44 -45.64 7.30 -5.80
CA GLN A 44 -46.69 8.29 -5.98
C GLN A 44 -46.09 9.69 -6.18
N ASN A 45 -46.61 10.42 -7.16
CA ASN A 45 -46.19 11.78 -7.44
C ASN A 45 -46.72 12.69 -6.31
N PRO A 46 -45.83 13.35 -5.56
CA PRO A 46 -46.31 14.23 -4.48
C PRO A 46 -47.13 15.42 -5.00
N ALA A 47 -46.78 15.92 -6.19
CA ALA A 47 -47.55 16.98 -6.85
C ALA A 47 -48.99 16.57 -7.20
N ASN A 48 -49.21 15.28 -7.45
CA ASN A 48 -50.51 14.75 -7.88
C ASN A 48 -50.68 13.31 -7.40
N GLU A 49 -51.64 13.08 -6.51
CA GLU A 49 -51.84 11.76 -5.87
C GLU A 49 -52.30 10.66 -6.85
N GLN A 50 -52.93 11.02 -7.96
CA GLN A 50 -53.37 10.05 -8.99
C GLN A 50 -52.28 9.64 -10.01
N GLU A 51 -51.04 10.13 -9.82
CA GLU A 51 -49.94 9.81 -10.71
C GLU A 51 -48.78 9.20 -9.94
N LYS A 52 -47.87 8.59 -10.69
CA LYS A 52 -46.70 7.98 -10.11
C LYS A 52 -45.47 8.12 -11.01
N ILE A 53 -44.28 8.09 -10.39
CA ILE A 53 -43.01 8.19 -11.13
C ILE A 53 -42.04 7.08 -10.77
N PRO A 54 -41.25 6.63 -11.76
CA PRO A 54 -40.32 5.53 -11.52
C PRO A 54 -39.10 5.95 -10.70
N PHE A 55 -38.76 5.14 -9.70
CA PHE A 55 -37.52 5.29 -8.93
C PHE A 55 -36.69 4.02 -9.08
N HIS A 56 -35.40 4.21 -9.31
CA HIS A 56 -34.49 3.10 -9.60
C HIS A 56 -33.20 3.37 -8.82
N LEU A 57 -32.70 2.34 -8.14
CA LEU A 57 -31.41 2.40 -7.42
C LEU A 57 -30.54 1.22 -7.82
N GLN A 58 -29.29 1.48 -8.14
CA GLN A 58 -28.28 0.42 -8.39
C GLN A 58 -27.01 0.69 -7.61
N LEU A 59 -26.59 -0.28 -6.80
CA LEU A 59 -25.33 -0.22 -6.06
C LEU A 59 -24.42 -1.34 -6.52
N SER A 60 -23.19 -1.00 -6.91
CA SER A 60 -22.20 -2.02 -7.26
C SER A 60 -21.61 -2.59 -5.99
N LYS A 61 -20.91 -3.72 -6.14
CA LYS A 61 -20.11 -4.29 -5.06
C LYS A 61 -19.03 -3.28 -4.68
N GLN A 62 -18.57 -3.34 -3.44
CA GLN A 62 -17.54 -2.43 -2.96
C GLN A 62 -16.19 -2.95 -3.43
N VAL A 63 -15.41 -2.07 -4.06
CA VAL A 63 -14.03 -2.37 -4.50
C VAL A 63 -13.03 -1.77 -3.51
N ILE A 64 -12.05 -2.59 -3.12
CA ILE A 64 -10.92 -2.14 -2.33
C ILE A 64 -9.82 -1.69 -3.30
N HIS A 65 -9.27 -0.50 -3.04
CA HIS A 65 -8.13 0.03 -3.79
C HIS A 65 -6.98 0.31 -2.82
N ALA A 66 -5.91 -0.45 -2.99
CA ALA A 66 -4.71 -0.27 -2.20
C ALA A 66 -3.62 0.25 -3.13
N GLU A 67 -3.10 1.44 -2.80
CA GLU A 67 -1.82 1.86 -3.30
C GLU A 67 -0.82 0.96 -2.61
N ILE A 68 0.14 0.45 -3.37
CA ILE A 68 1.08 -0.53 -2.85
C ILE A 68 2.51 -0.20 -3.18
N GLN A 69 3.41 -0.90 -2.50
CA GLN A 69 4.81 -0.96 -2.87
C GLN A 69 5.07 -2.37 -3.34
N HIS A 70 5.63 -2.52 -4.55
CA HIS A 70 6.07 -3.83 -5.02
C HIS A 70 7.39 -4.16 -4.32
N LEU A 71 7.32 -4.84 -3.17
CA LEU A 71 8.51 -5.25 -2.44
C LEU A 71 9.31 -6.39 -3.14
N GLY A 72 8.67 -7.07 -4.10
CA GLY A 72 9.32 -8.11 -4.89
C GLY A 72 8.90 -9.49 -4.43
N HIS A 73 9.73 -10.49 -4.73
CA HIS A 73 9.43 -11.88 -4.42
C HIS A 73 10.15 -12.33 -3.15
N TRP A 74 9.45 -13.11 -2.33
CA TRP A 74 10.04 -13.69 -1.13
C TRP A 74 10.73 -14.99 -1.51
N MET A 75 11.96 -15.15 -1.02
CA MET A 75 12.81 -16.26 -1.40
C MET A 75 13.04 -17.17 -0.21
N ASP A 76 12.89 -18.46 -0.47
CA ASP A 76 13.37 -19.49 0.42
C ASP A 76 14.81 -19.78 -0.01
N ALA A 77 15.63 -20.29 0.91
CA ALA A 77 17.04 -20.59 0.62
C ALA A 77 17.60 -21.67 1.55
N THR A 78 18.75 -22.23 1.16
CA THR A 78 19.51 -23.15 1.99
C THR A 78 20.75 -22.44 2.50
N PHE A 79 21.06 -22.66 3.78
CA PHE A 79 22.25 -22.14 4.44
C PHE A 79 23.43 -23.03 4.12
N ASN A 80 24.60 -22.43 3.89
CA ASN A 80 25.87 -23.17 3.62
C ASN A 80 27.05 -22.49 4.30
N LEU A 81 27.90 -23.28 4.98
CA LEU A 81 29.17 -22.80 5.55
C LEU A 81 30.38 -23.55 4.97
N LYS A 82 31.32 -22.80 4.37
CA LYS A 82 32.54 -23.38 3.77
C LYS A 82 33.81 -22.70 4.29
N THR A 83 34.86 -23.51 4.52
CA THR A 83 36.16 -23.00 4.96
C THR A 83 37.20 -23.05 3.85
N ALA A 84 37.90 -21.93 3.64
CA ALA A 84 39.06 -21.87 2.75
C ALA A 84 40.30 -21.65 3.59
N PHE A 85 41.46 -21.97 3.01
CA PHE A 85 42.74 -21.69 3.63
C PHE A 85 43.85 -21.46 2.59
N HIS A 86 44.61 -20.38 2.78
CA HIS A 86 45.85 -20.15 2.04
C HIS A 86 46.95 -19.82 3.05
N CYS A 87 48.04 -20.58 3.00
CA CYS A 87 49.16 -20.41 3.95
C CYS A 87 49.86 -19.05 3.85
N TYR A 88 49.83 -18.44 2.68
CA TYR A 88 50.36 -17.09 2.44
C TYR A 88 49.37 -16.28 1.63
N GLY A 89 49.57 -14.96 1.59
CA GLY A 89 48.73 -14.05 0.80
C GLY A 89 47.43 -13.70 1.49
N SER A 90 46.98 -12.46 1.30
CA SER A 90 45.77 -11.94 1.96
C SER A 90 44.48 -12.34 1.21
N CYS A 91 43.36 -12.17 1.89
CA CYS A 91 42.06 -12.69 1.41
C CYS A 91 41.50 -12.01 0.15
N GLU A 92 41.94 -10.78 -0.12
CA GLU A 92 41.52 -10.05 -1.32
C GLU A 92 42.14 -10.67 -2.59
N LYS A 93 43.32 -11.26 -2.44
CA LYS A 93 44.06 -11.88 -3.56
C LYS A 93 43.35 -13.09 -4.19
N TYR A 94 42.53 -13.79 -3.40
CA TYR A 94 41.91 -15.05 -3.83
C TYR A 94 40.41 -14.89 -4.06
N ALA A 95 39.93 -15.45 -5.17
CA ALA A 95 38.51 -15.68 -5.40
C ALA A 95 38.10 -16.91 -4.59
N TYR A 96 36.85 -16.92 -4.11
CA TYR A 96 36.33 -18.01 -3.27
C TYR A 96 35.04 -18.57 -3.83
N PRO A 97 34.72 -19.85 -3.53
CA PRO A 97 33.51 -20.47 -4.05
C PRO A 97 32.21 -19.72 -3.71
N TRP A 98 32.10 -19.27 -2.47
CA TRP A 98 30.91 -18.54 -1.99
C TRP A 98 30.67 -17.18 -2.65
N GLN A 99 31.70 -16.58 -3.23
CA GLN A 99 31.58 -15.24 -3.85
C GLN A 99 30.71 -15.18 -5.10
N THR A 100 30.48 -16.34 -5.74
CA THR A 100 29.53 -16.45 -6.85
C THR A 100 28.05 -16.42 -6.40
N ALA A 101 27.79 -16.66 -5.12
CA ALA A 101 26.42 -16.84 -4.61
C ALA A 101 25.65 -15.53 -4.47
N GLY A 102 24.32 -15.65 -4.48
CA GLY A 102 23.40 -14.51 -4.40
C GLY A 102 23.50 -13.68 -3.13
N CYS A 103 23.73 -14.35 -1.99
CA CYS A 103 23.90 -13.69 -0.70
C CYS A 103 24.97 -14.41 0.11
N PHE A 104 25.92 -13.67 0.65
CA PHE A 104 26.98 -14.25 1.48
C PHE A 104 27.61 -13.25 2.43
N ILE A 105 28.08 -13.75 3.58
CA ILE A 105 28.93 -13.00 4.50
C ILE A 105 30.25 -13.77 4.58
N GLU A 106 31.34 -13.04 4.76
CA GLU A 106 32.68 -13.62 4.86
C GLU A 106 33.36 -13.07 6.10
N LYS A 107 34.01 -13.95 6.87
CA LYS A 107 34.83 -13.55 8.02
C LYS A 107 36.25 -14.07 7.85
N ASP A 108 37.21 -13.15 7.78
CA ASP A 108 38.61 -13.44 7.51
C ASP A 108 39.45 -13.48 8.78
N TYR A 109 40.42 -14.40 8.81
CA TYR A 109 41.39 -14.47 9.90
C TYR A 109 42.79 -14.38 9.30
N GLU A 110 43.12 -13.20 8.77
CA GLU A 110 44.44 -12.96 8.18
C GLU A 110 45.53 -12.92 9.26
N TYR A 111 46.70 -13.44 8.91
CA TYR A 111 47.90 -13.43 9.76
C TYR A 111 47.76 -14.20 11.09
N GLU A 112 47.00 -15.30 11.08
CA GLU A 112 46.75 -16.10 12.29
C GLU A 112 47.18 -17.56 12.13
N THR A 113 48.33 -17.75 11.48
CA THR A 113 48.83 -19.08 11.13
C THR A 113 49.39 -19.81 12.36
N GLY A 114 50.16 -19.10 13.18
CA GLY A 114 50.78 -19.64 14.41
C GLY A 114 51.39 -21.01 14.27
N TRP A 115 51.14 -21.86 15.28
CA TRP A 115 51.42 -23.30 15.19
C TRP A 115 50.26 -24.05 15.87
N GLY A 116 49.93 -25.22 15.35
CA GLY A 116 48.74 -25.95 15.77
C GLY A 116 47.45 -25.33 15.27
N CYS A 117 47.51 -24.61 14.14
CA CYS A 117 46.33 -24.19 13.38
C CYS A 117 46.52 -24.43 11.88
N ASN A 118 47.45 -25.34 11.53
CA ASN A 118 47.94 -25.49 10.16
C ASN A 118 47.92 -26.94 9.72
N PRO A 119 47.67 -27.18 8.41
CA PRO A 119 47.94 -28.51 7.87
C PRO A 119 49.46 -28.75 7.76
N PRO A 120 49.87 -30.00 7.43
CA PRO A 120 51.29 -30.35 7.25
C PRO A 120 52.06 -29.49 6.24
N ASP A 121 51.40 -29.07 5.15
CA ASP A 121 52.04 -28.30 4.06
C ASP A 121 52.17 -26.77 4.29
N CYS A 122 51.84 -26.30 5.50
CA CYS A 122 51.91 -24.88 5.83
C CYS A 122 52.81 -24.62 7.06
N PRO A 123 54.08 -24.18 6.83
CA PRO A 123 54.97 -23.75 7.91
C PRO A 123 54.88 -22.24 8.21
N GLY A 124 53.76 -21.60 7.90
CA GLY A 124 53.58 -20.17 8.13
C GLY A 124 53.31 -19.85 9.58
N VAL A 125 53.74 -18.65 10.00
CA VAL A 125 53.55 -18.14 11.36
C VAL A 125 53.20 -16.65 11.27
N GLY A 126 51.92 -16.35 11.42
CA GLY A 126 51.43 -14.98 11.39
C GLY A 126 51.30 -14.47 9.97
N THR A 127 50.72 -15.28 9.09
CA THR A 127 50.58 -14.96 7.66
C THR A 127 49.27 -15.49 7.07
N GLY A 128 49.01 -15.13 5.81
CA GLY A 128 47.98 -15.77 5.01
C GLY A 128 46.56 -15.31 5.30
N CYS A 129 45.64 -16.27 5.31
CA CYS A 129 44.23 -15.98 5.28
C CYS A 129 43.42 -17.25 5.47
N THR A 130 42.68 -17.34 6.57
CA THR A 130 41.72 -18.41 6.79
C THR A 130 40.32 -17.82 6.63
N ALA A 131 39.94 -17.56 5.38
CA ALA A 131 38.65 -16.96 5.06
C ALA A 131 37.56 -18.01 5.22
N CYS A 132 36.43 -17.59 5.79
CA CYS A 132 35.27 -18.45 5.96
C CYS A 132 34.04 -17.72 5.47
N GLY A 133 33.19 -18.46 4.77
CA GLY A 133 31.97 -17.91 4.19
C GLY A 133 30.74 -18.67 4.63
N VAL A 134 29.73 -17.92 5.08
CA VAL A 134 28.35 -18.38 5.12
C VAL A 134 27.69 -17.85 3.87
N TYR A 135 26.85 -18.66 3.23
CA TYR A 135 26.16 -18.24 2.01
C TYR A 135 24.86 -18.99 1.75
N LEU A 136 23.96 -18.33 1.02
CA LEU A 136 22.64 -18.84 0.72
C LEU A 136 22.54 -19.23 -0.75
N ASP A 137 22.17 -20.49 -0.98
CA ASP A 137 21.93 -20.99 -2.33
C ASP A 137 20.58 -21.71 -2.35
N LYS A 138 20.26 -22.36 -3.47
CA LYS A 138 18.94 -22.96 -3.71
C LYS A 138 17.86 -21.92 -3.49
N LEU A 139 18.04 -20.76 -4.10
CA LEU A 139 17.09 -19.66 -3.99
C LEU A 139 15.84 -20.00 -4.78
N LYS A 140 14.72 -20.02 -4.08
CA LYS A 140 13.42 -20.31 -4.68
C LYS A 140 12.44 -19.20 -4.33
N SER A 141 11.82 -18.64 -5.38
CA SER A 141 10.70 -17.73 -5.21
C SER A 141 9.52 -18.48 -4.62
N VAL A 142 8.98 -17.98 -3.52
CA VAL A 142 7.80 -18.58 -2.88
C VAL A 142 6.52 -17.74 -2.99
N GLY A 143 6.65 -16.42 -3.20
CA GLY A 143 5.47 -15.57 -3.40
C GLY A 143 5.76 -14.11 -3.72
N LYS A 144 4.71 -13.40 -4.14
CA LYS A 144 4.77 -11.95 -4.41
C LYS A 144 4.42 -11.20 -3.13
N VAL A 145 5.07 -10.07 -2.91
CA VAL A 145 4.90 -9.30 -1.68
C VAL A 145 4.57 -7.82 -1.99
N PHE A 146 3.48 -7.35 -1.39
CA PHE A 146 3.04 -5.94 -1.50
C PHE A 146 2.84 -5.35 -0.12
N LYS A 147 3.34 -4.13 0.09
CA LYS A 147 3.11 -3.37 1.30
C LYS A 147 2.06 -2.31 1.00
N ILE A 148 1.03 -2.22 1.85
CA ILE A 148 -0.09 -1.29 1.63
C ILE A 148 0.32 0.13 2.01
N VAL A 149 0.26 1.03 1.04
CA VAL A 149 0.59 2.44 1.26
C VAL A 149 -0.63 3.19 1.79
N SER A 150 -1.79 2.89 1.20
CA SER A 150 -3.06 3.51 1.59
C SER A 150 -4.22 2.65 1.12
N LEU A 151 -5.40 2.95 1.62
CA LEU A 151 -6.60 2.18 1.33
C LEU A 151 -7.77 3.10 1.01
N ARG A 152 -8.63 2.62 0.11
CA ARG A 152 -9.82 3.34 -0.32
C ARG A 152 -10.86 2.30 -0.72
N TYR A 153 -12.11 2.52 -0.29
CA TYR A 153 -13.21 1.61 -0.50
C TYR A 153 -14.35 2.38 -1.19
N THR A 154 -14.77 1.91 -2.37
CA THR A 154 -15.76 2.63 -3.18
C THR A 154 -16.84 1.73 -3.75
N ARG A 155 -18.03 2.30 -3.92
CA ARG A 155 -19.16 1.69 -4.62
C ARG A 155 -19.60 2.63 -5.72
N LYS A 156 -19.96 2.08 -6.88
CA LYS A 156 -20.70 2.85 -7.90
C LYS A 156 -22.18 2.87 -7.51
N VAL A 157 -22.73 4.08 -7.39
CA VAL A 157 -24.13 4.32 -7.03
C VAL A 157 -24.84 4.93 -8.24
N CYS A 158 -25.95 4.32 -8.67
CA CYS A 158 -26.78 4.89 -9.73
C CYS A 158 -28.21 5.11 -9.25
N ILE A 159 -28.70 6.32 -9.48
CA ILE A 159 -30.02 6.76 -9.05
C ILE A 159 -30.79 7.17 -10.29
N GLN A 160 -32.08 6.86 -10.30
CA GLN A 160 -33.02 7.46 -11.23
C GLN A 160 -34.34 7.74 -10.54
N LEU A 161 -34.80 8.99 -10.59
CA LEU A 161 -36.13 9.37 -10.16
C LEU A 161 -36.80 10.07 -11.33
N GLY A 162 -37.64 9.33 -12.05
CA GLY A 162 -38.28 9.84 -13.25
C GLY A 162 -37.28 10.25 -14.31
N THR A 163 -37.09 11.57 -14.45
CA THR A 163 -36.21 12.16 -15.46
C THR A 163 -34.79 12.51 -14.95
N GLU A 164 -34.60 12.57 -13.63
CA GLU A 164 -33.26 12.65 -13.04
C GLU A 164 -32.58 11.29 -13.15
N GLN A 165 -31.31 11.29 -13.54
CA GLN A 165 -30.47 10.09 -13.49
C GLN A 165 -29.01 10.49 -13.34
N THR A 166 -28.32 9.87 -12.38
CA THR A 166 -26.89 10.12 -12.17
C THR A 166 -26.21 8.88 -11.58
N CYS A 167 -25.06 8.54 -12.14
CA CYS A 167 -24.18 7.52 -11.57
C CYS A 167 -22.97 8.24 -11.00
N LYS A 168 -22.48 7.75 -9.86
CA LYS A 168 -21.25 8.29 -9.24
C LYS A 168 -20.56 7.24 -8.39
N THR A 169 -19.23 7.30 -8.32
CA THR A 169 -18.47 6.43 -7.43
C THR A 169 -18.40 7.15 -6.09
N VAL A 170 -18.68 6.44 -5.01
CA VAL A 170 -18.82 7.04 -3.69
C VAL A 170 -17.96 6.29 -2.69
N ASP A 171 -17.13 7.02 -1.95
CA ASP A 171 -16.38 6.42 -0.84
C ASP A 171 -17.32 5.91 0.28
N SER A 172 -16.79 4.98 1.05
CA SER A 172 -17.56 4.20 2.02
C SER A 172 -18.16 4.97 3.21
N ASN A 173 -17.72 6.21 3.44
CA ASN A 173 -18.37 7.11 4.40
C ASN A 173 -18.69 8.48 3.80
N ASP A 174 -19.07 8.48 2.52
CA ASP A 174 -19.50 9.68 1.81
C ASP A 174 -20.96 9.50 1.38
N CYS A 175 -21.57 10.58 0.89
CA CYS A 175 -22.92 10.53 0.29
C CYS A 175 -22.93 11.08 -1.13
N LEU A 176 -23.84 10.56 -1.95
CA LEU A 176 -24.18 11.14 -3.25
C LEU A 176 -25.51 11.90 -3.14
N ILE A 177 -25.55 13.10 -3.74
CA ILE A 177 -26.71 14.02 -3.69
C ILE A 177 -27.11 14.45 -5.10
N THR A 178 -28.39 14.28 -5.45
CA THR A 178 -28.96 14.81 -6.70
C THR A 178 -30.07 15.82 -6.37
N THR A 179 -30.89 16.20 -7.34
CA THR A 179 -31.93 17.20 -7.11
C THR A 179 -32.97 16.75 -6.09
N SER A 180 -33.34 15.47 -6.12
CA SER A 180 -34.38 14.91 -5.25
C SER A 180 -33.97 13.63 -4.50
N VAL A 181 -32.70 13.23 -4.54
CA VAL A 181 -32.29 11.94 -3.94
C VAL A 181 -30.91 12.05 -3.31
N LYS A 182 -30.79 11.48 -2.10
CA LYS A 182 -29.53 11.38 -1.36
C LYS A 182 -29.30 9.91 -1.05
N VAL A 183 -28.07 9.44 -1.28
CA VAL A 183 -27.65 8.10 -0.90
C VAL A 183 -26.40 8.25 -0.03
N CYS A 184 -26.41 7.69 1.18
CA CYS A 184 -25.26 7.74 2.10
C CYS A 184 -24.76 6.32 2.40
N LEU A 185 -23.44 6.17 2.39
CA LEU A 185 -22.78 4.94 2.79
C LEU A 185 -22.15 5.20 4.17
N ILE A 186 -22.31 4.25 5.09
CA ILE A 186 -21.57 4.24 6.36
C ILE A 186 -20.85 2.91 6.52
N GLY A 187 -19.54 2.98 6.77
CA GLY A 187 -18.61 1.90 6.49
C GLY A 187 -17.93 1.36 7.72
N THR A 188 -18.16 0.08 7.98
CA THR A 188 -17.53 -0.68 9.08
C THR A 188 -16.01 -0.71 9.07
N ILE A 189 -15.46 -1.35 10.11
CA ILE A 189 -14.03 -1.68 10.24
C ILE A 189 -13.41 -2.28 8.97
N SER A 190 -12.12 -2.04 8.80
CA SER A 190 -11.35 -2.64 7.74
C SER A 190 -10.60 -3.87 8.27
N LYS A 191 -10.63 -4.92 7.45
CA LYS A 191 -9.80 -6.09 7.60
C LYS A 191 -8.30 -5.76 7.34
N PHE A 192 -8.04 -4.72 6.55
CA PHE A 192 -6.68 -4.31 6.19
C PHE A 192 -6.35 -2.96 6.78
N GLN A 193 -5.05 -2.71 6.92
CA GLN A 193 -4.52 -1.47 7.50
C GLN A 193 -3.35 -0.97 6.65
N PRO A 194 -3.08 0.34 6.67
CA PRO A 194 -1.83 0.83 6.06
C PRO A 194 -0.61 0.23 6.74
N SER A 195 0.38 -0.15 5.93
CA SER A 195 1.59 -0.87 6.35
C SER A 195 1.48 -2.38 6.53
N ASP A 196 0.27 -2.96 6.46
CA ASP A 196 0.15 -4.41 6.33
C ASP A 196 0.95 -4.84 5.10
N THR A 197 1.58 -6.01 5.21
CA THR A 197 2.27 -6.63 4.09
C THR A 197 1.44 -7.84 3.70
N LEU A 198 1.19 -7.97 2.40
CA LEU A 198 0.40 -9.08 1.85
C LEU A 198 1.33 -10.01 1.07
N LEU A 199 1.24 -11.30 1.38
CA LEU A 199 2.03 -12.35 0.73
C LEU A 199 1.11 -13.22 -0.12
N PHE A 200 1.39 -13.29 -1.41
CA PHE A 200 0.66 -14.18 -2.32
C PHE A 200 1.55 -15.36 -2.70
N LEU A 201 1.27 -16.56 -2.15
CA LEU A 201 2.05 -17.77 -2.49
C LEU A 201 1.78 -18.38 -3.86
N GLY A 202 0.64 -18.06 -4.46
CA GLY A 202 0.29 -18.51 -5.80
C GLY A 202 -0.31 -17.34 -6.55
N PRO A 203 -1.19 -17.60 -7.53
CA PRO A 203 -1.87 -16.51 -8.22
C PRO A 203 -2.72 -15.66 -7.26
N LEU A 204 -2.96 -14.41 -7.64
CA LEU A 204 -3.71 -13.47 -6.81
C LEU A 204 -5.05 -14.08 -6.37
N GLN A 205 -5.76 -14.66 -7.33
CA GLN A 205 -7.10 -15.26 -7.11
C GLN A 205 -7.16 -16.26 -5.95
N GLN A 206 -6.05 -16.94 -5.68
CA GLN A 206 -5.99 -17.91 -4.59
C GLN A 206 -5.77 -17.29 -3.20
N GLY A 207 -5.79 -15.96 -3.10
CA GLY A 207 -5.73 -15.28 -1.81
C GLY A 207 -4.32 -15.13 -1.25
N GLY A 208 -4.23 -14.57 -0.07
CA GLY A 208 -2.93 -14.31 0.54
C GLY A 208 -2.94 -14.37 2.04
N LEU A 209 -1.80 -14.02 2.63
CA LEU A 209 -1.60 -13.94 4.06
C LEU A 209 -1.28 -12.52 4.41
N ILE A 210 -1.84 -12.01 5.51
CA ILE A 210 -1.47 -10.71 6.05
C ILE A 210 -0.36 -10.93 7.07
N PHE A 211 0.62 -10.03 7.05
CA PHE A 211 1.68 -9.97 8.05
C PHE A 211 1.72 -8.57 8.66
N LYS A 212 1.94 -8.52 9.97
CA LYS A 212 2.13 -7.27 10.72
C LYS A 212 3.61 -6.98 11.00
N GLN A 213 4.46 -8.02 11.00
CA GLN A 213 5.90 -7.86 11.27
C GLN A 213 6.74 -8.36 10.09
N TRP A 214 6.67 -7.66 8.96
CA TRP A 214 7.59 -7.89 7.85
C TRP A 214 8.82 -7.04 8.11
N CYS A 215 9.99 -7.57 7.91
CA CYS A 215 11.23 -6.88 8.16
C CYS A 215 11.46 -5.58 7.38
N THR A 216 11.96 -4.62 8.09
CA THR A 216 12.14 -3.27 7.62
C THR A 216 13.54 -2.64 7.82
N THR A 217 13.79 -2.20 9.02
CA THR A 217 15.01 -1.53 9.39
C THR A 217 16.15 -2.50 9.66
N THR A 218 15.82 -3.71 10.00
CA THR A 218 16.82 -4.72 10.29
C THR A 218 16.31 -6.11 9.90
N CYS A 219 16.70 -6.55 8.71
CA CYS A 219 16.33 -7.86 8.20
C CYS A 219 17.42 -8.92 8.45
N GLN A 220 17.15 -9.81 9.41
CA GLN A 220 17.98 -10.98 9.65
C GLN A 220 17.43 -12.20 8.94
N PHE A 221 18.32 -13.11 8.58
CA PHE A 221 17.97 -14.43 8.04
C PHE A 221 17.16 -15.19 9.08
N GLY A 222 15.96 -15.62 8.70
CA GLY A 222 14.97 -16.17 9.65
C GLY A 222 13.72 -15.31 9.83
N ASP A 223 13.82 -14.00 9.55
CA ASP A 223 12.68 -13.09 9.65
C ASP A 223 11.72 -13.29 8.48
N PRO A 224 10.44 -12.90 8.66
CA PRO A 224 9.57 -12.68 7.51
C PRO A 224 10.18 -11.60 6.60
N GLY A 225 10.19 -11.89 5.30
CA GLY A 225 10.81 -11.02 4.31
C GLY A 225 12.31 -10.90 4.35
N ASP A 226 12.99 -11.91 4.91
CA ASP A 226 14.45 -11.84 5.07
C ASP A 226 15.20 -11.73 3.74
N ILE A 227 14.81 -12.56 2.78
CA ILE A 227 15.45 -12.59 1.46
C ILE A 227 14.43 -12.13 0.43
N MET A 228 14.64 -10.92 -0.10
CA MET A 228 13.73 -10.33 -1.08
C MET A 228 14.46 -10.16 -2.39
N SER A 229 13.79 -10.53 -3.47
CA SER A 229 14.29 -10.35 -4.82
C SER A 229 13.40 -9.37 -5.56
N THR A 230 13.99 -8.25 -5.99
CA THR A 230 13.33 -7.26 -6.81
C THR A 230 13.98 -7.30 -8.19
N PRO A 231 13.35 -6.68 -9.21
CA PRO A 231 14.00 -6.62 -10.53
C PRO A 231 15.34 -5.85 -10.58
N THR A 232 15.49 -4.85 -9.71
CA THR A 232 16.79 -4.14 -9.56
C THR A 232 17.90 -4.96 -8.85
N GLY A 233 17.56 -6.11 -8.27
CA GLY A 233 18.53 -7.06 -7.73
C GLY A 233 18.08 -7.68 -6.42
N MET A 234 18.95 -8.51 -5.84
CA MET A 234 18.67 -9.17 -4.56
C MET A 234 18.74 -8.18 -3.42
N LYS A 235 17.92 -8.44 -2.39
CA LYS A 235 18.05 -7.80 -1.08
C LYS A 235 18.30 -8.91 -0.05
N CYS A 236 19.55 -9.01 0.38
CA CYS A 236 20.01 -10.06 1.28
C CYS A 236 19.83 -9.66 2.73
N PRO A 237 19.49 -10.63 3.61
CA PRO A 237 19.42 -10.29 5.01
C PRO A 237 20.81 -10.30 5.60
N GLU A 238 20.90 -9.82 6.83
CA GLU A 238 22.10 -10.02 7.63
C GLU A 238 22.00 -11.41 8.21
N LEU A 239 23.13 -11.94 8.55
CA LEU A 239 23.20 -13.24 9.09
C LEU A 239 22.99 -13.22 10.55
N ASN A 240 23.99 -12.76 11.25
CA ASN A 240 23.91 -12.70 12.68
C ASN A 240 24.12 -14.03 13.36
N GLY A 241 25.27 -14.13 14.00
CA GLY A 241 25.81 -15.25 14.72
C GLY A 241 27.30 -15.06 14.71
N SER A 242 28.00 -15.67 15.62
CA SER A 242 29.45 -15.56 15.69
C SER A 242 30.15 -16.68 14.90
N PHE A 243 31.36 -16.39 14.45
CA PHE A 243 32.21 -17.37 13.79
C PHE A 243 33.18 -17.93 14.81
N ARG A 244 33.82 -19.05 14.46
CA ARG A 244 34.90 -19.60 15.26
C ARG A 244 35.70 -20.64 14.45
N LYS A 245 37.03 -20.51 14.47
CA LYS A 245 37.90 -21.60 14.05
C LYS A 245 38.03 -22.63 15.16
N LYS A 246 37.94 -23.91 14.80
CA LYS A 246 38.50 -24.96 15.65
C LYS A 246 39.83 -25.37 15.02
N CYS A 247 40.87 -25.23 15.82
CA CYS A 247 42.25 -25.34 15.40
C CYS A 247 43.00 -26.38 16.19
N ALA A 248 43.82 -27.16 15.48
CA ALA A 248 44.70 -28.23 16.01
C ALA A 248 44.49 -29.56 15.33
N PHE A 249 45.32 -30.54 15.73
CA PHE A 249 45.31 -31.90 15.24
C PHE A 249 45.96 -31.86 13.90
N ALA A 250 46.85 -30.90 13.73
CA ALA A 250 47.62 -30.68 12.53
C ALA A 250 46.76 -30.82 11.33
N THR A 251 45.72 -30.04 11.32
CA THR A 251 44.78 -30.07 10.20
C THR A 251 44.48 -28.65 9.68
N THR A 252 43.79 -28.58 8.54
CA THR A 252 43.31 -27.30 8.00
C THR A 252 42.16 -26.80 8.89
N PRO A 253 42.19 -25.49 9.27
CA PRO A 253 41.14 -24.92 10.11
C PRO A 253 39.71 -25.21 9.65
N VAL A 254 38.82 -25.46 10.61
CA VAL A 254 37.41 -25.78 10.34
C VAL A 254 36.52 -24.74 11.04
N CYS A 255 35.92 -23.85 10.26
CA CYS A 255 35.04 -22.82 10.79
C CYS A 255 33.72 -23.37 11.29
N GLN A 256 33.15 -22.69 12.28
CA GLN A 256 31.84 -23.01 12.84
C GLN A 256 31.05 -21.72 13.00
N PHE A 257 29.74 -21.81 12.75
CA PHE A 257 28.81 -20.69 12.89
C PHE A 257 27.71 -21.09 13.88
N ASP A 258 27.46 -20.23 14.87
CA ASP A 258 26.48 -20.52 15.93
C ASP A 258 25.09 -19.91 15.68
N GLY A 259 24.98 -19.01 14.71
CA GLY A 259 23.72 -18.34 14.40
C GLY A 259 22.64 -19.20 13.77
N ASN A 260 21.59 -18.53 13.30
CA ASN A 260 20.40 -19.19 12.76
C ASN A 260 20.65 -19.83 11.39
N THR A 261 20.17 -21.07 11.23
CA THR A 261 20.34 -21.88 10.01
C THR A 261 19.06 -21.97 9.14
N ILE A 262 17.90 -21.70 9.72
CA ILE A 262 16.63 -21.92 9.04
C ILE A 262 16.05 -20.59 8.51
N SER A 263 15.57 -20.63 7.27
CA SER A 263 15.09 -19.44 6.54
C SER A 263 13.75 -18.94 7.07
N GLY A 264 13.43 -17.68 6.73
CA GLY A 264 12.17 -17.08 7.12
C GLY A 264 10.95 -17.87 6.68
N TYR A 265 10.92 -18.25 5.41
CA TYR A 265 9.83 -19.02 4.82
C TYR A 265 9.55 -20.33 5.55
N LYS A 266 10.59 -21.12 5.78
CA LYS A 266 10.45 -22.41 6.46
C LYS A 266 9.89 -22.24 7.89
N ARG A 267 10.33 -21.17 8.55
CA ARG A 267 9.89 -20.86 9.90
C ARG A 267 8.46 -20.38 9.91
N MET A 268 8.05 -19.66 8.86
CA MET A 268 6.65 -19.28 8.70
C MET A 268 5.79 -20.52 8.48
N ILE A 269 6.11 -21.31 7.46
CA ILE A 269 5.30 -22.50 7.10
C ILE A 269 5.05 -23.48 8.26
N ALA A 270 6.06 -23.68 9.09
CA ALA A 270 5.94 -24.53 10.29
C ALA A 270 4.81 -24.11 11.25
N THR A 271 4.64 -22.80 11.41
CA THR A 271 3.58 -22.23 12.25
C THR A 271 2.58 -21.40 11.43
N LYS A 272 2.36 -21.82 10.18
CA LYS A 272 1.51 -21.14 9.19
C LYS A 272 0.12 -20.70 9.68
N ASP A 273 -0.50 -21.52 10.53
CA ASP A 273 -1.86 -21.24 11.03
C ASP A 273 -1.91 -20.24 12.19
N SER A 274 -0.78 -19.58 12.47
CA SER A 274 -0.72 -18.43 13.36
C SER A 274 -1.13 -17.14 12.67
N PHE A 275 -1.19 -17.14 11.33
CA PHE A 275 -1.43 -15.93 10.55
C PHE A 275 -2.85 -15.85 9.98
N GLN A 276 -3.20 -14.66 9.48
CA GLN A 276 -4.50 -14.40 8.88
C GLN A 276 -4.46 -14.53 7.35
N SER A 277 -5.40 -15.27 6.79
CA SER A 277 -5.65 -15.30 5.34
C SER A 277 -6.69 -14.27 4.92
N PHE A 278 -6.66 -13.93 3.64
CA PHE A 278 -7.75 -13.21 2.95
C PHE A 278 -7.90 -13.75 1.54
N ASN A 279 -9.06 -13.56 0.93
CA ASN A 279 -9.25 -13.96 -0.47
C ASN A 279 -9.74 -12.79 -1.35
N VAL A 280 -9.69 -13.02 -2.66
CA VAL A 280 -9.75 -11.94 -3.62
C VAL A 280 -10.39 -12.43 -4.92
N THR A 281 -11.37 -11.65 -5.38
CA THR A 281 -12.05 -11.86 -6.64
C THR A 281 -11.83 -10.63 -7.49
N GLU A 282 -11.78 -10.87 -8.81
CA GLU A 282 -11.60 -9.81 -9.81
C GLU A 282 -10.40 -8.90 -9.54
N PRO A 283 -9.24 -9.48 -9.19
CA PRO A 283 -8.06 -8.66 -8.93
C PRO A 283 -7.56 -7.93 -10.17
N HIS A 284 -7.11 -6.69 -9.98
CA HIS A 284 -6.52 -5.91 -11.04
C HIS A 284 -5.27 -5.21 -10.49
N ILE A 285 -4.12 -5.56 -11.07
CA ILE A 285 -2.83 -5.02 -10.66
C ILE A 285 -2.36 -3.93 -11.63
N SER A 286 -1.81 -2.84 -11.09
CA SER A 286 -1.23 -1.75 -11.87
C SER A 286 0.19 -1.50 -11.34
N THR A 287 0.82 -0.46 -11.87
CA THR A 287 2.18 -0.11 -11.46
C THR A 287 2.29 0.10 -9.96
N SER A 288 1.37 0.87 -9.38
CA SER A 288 1.43 1.24 -7.98
C SER A 288 0.18 0.85 -7.17
N ALA A 289 -0.68 0.00 -7.71
CA ALA A 289 -1.94 -0.32 -7.02
C ALA A 289 -2.45 -1.74 -7.23
N LEU A 290 -3.25 -2.20 -6.28
CA LEU A 290 -3.98 -3.47 -6.40
C LEU A 290 -5.45 -3.22 -6.05
N GLU A 291 -6.35 -3.57 -6.98
CA GLU A 291 -7.80 -3.47 -6.78
C GLU A 291 -8.46 -4.84 -6.74
N TRP A 292 -9.35 -5.05 -5.78
CA TRP A 292 -10.14 -6.29 -5.73
C TRP A 292 -11.45 -6.15 -4.94
N ILE A 293 -12.26 -7.20 -5.05
CA ILE A 293 -13.47 -7.38 -4.28
C ILE A 293 -13.22 -8.57 -3.35
N ASP A 294 -13.46 -8.34 -2.08
CA ASP A 294 -13.31 -9.36 -1.05
C ASP A 294 -14.61 -10.18 -1.00
N PRO A 295 -14.55 -11.49 -1.32
CA PRO A 295 -15.77 -12.31 -1.32
C PRO A 295 -16.37 -12.61 0.07
N ASP A 296 -15.63 -12.32 1.14
CA ASP A 296 -16.14 -12.45 2.51
C ASP A 296 -17.41 -11.62 2.69
N SER A 297 -18.52 -12.27 3.04
CA SER A 297 -19.82 -11.59 3.19
C SER A 297 -20.15 -11.15 4.61
N SER A 298 -19.22 -11.33 5.55
CA SER A 298 -19.41 -10.90 6.95
C SER A 298 -19.14 -9.41 7.19
N LEU A 299 -18.57 -8.71 6.21
CA LEU A 299 -18.35 -7.27 6.32
C LEU A 299 -19.50 -6.51 5.67
N ARG A 300 -20.25 -5.76 6.48
CA ARG A 300 -21.47 -5.07 6.03
C ARG A 300 -21.38 -3.56 6.23
N ASP A 301 -21.79 -2.82 5.21
CA ASP A 301 -21.92 -1.36 5.28
C ASP A 301 -23.39 -1.04 5.53
N HIS A 302 -23.65 0.20 5.97
CA HIS A 302 -25.02 0.71 6.10
C HIS A 302 -25.33 1.67 4.94
N ILE A 303 -26.46 1.43 4.27
CA ILE A 303 -26.94 2.30 3.20
C ILE A 303 -28.23 2.95 3.67
N ASN A 304 -28.34 4.25 3.39
CA ASN A 304 -29.58 5.00 3.54
C ASN A 304 -29.90 5.66 2.21
N VAL A 305 -31.17 5.58 1.78
CA VAL A 305 -31.64 6.32 0.60
C VAL A 305 -32.87 7.11 1.01
N ILE A 306 -32.97 8.34 0.51
CA ILE A 306 -34.09 9.19 0.82
C ILE A 306 -34.49 9.99 -0.43
N VAL A 307 -35.76 9.89 -0.81
CA VAL A 307 -36.32 10.60 -1.95
C VAL A 307 -37.22 11.73 -1.46
N SER A 308 -37.02 12.92 -2.01
CA SER A 308 -37.93 14.04 -1.76
C SER A 308 -37.94 14.99 -2.98
N ARG A 309 -38.93 14.79 -3.83
CA ARG A 309 -39.14 15.60 -5.03
C ARG A 309 -39.90 16.85 -4.65
N ASP A 310 -39.19 17.75 -4.00
CA ASP A 310 -39.75 18.97 -3.43
C ASP A 310 -38.69 20.07 -3.38
N LEU A 311 -39.13 21.32 -3.49
CA LEU A 311 -38.23 22.46 -3.51
C LEU A 311 -37.56 22.72 -2.14
N SER A 312 -38.14 22.20 -1.07
CA SER A 312 -37.52 22.21 0.27
C SER A 312 -36.26 21.34 0.44
N PHE A 313 -35.99 20.45 -0.52
CA PHE A 313 -34.81 19.59 -0.51
C PHE A 313 -33.55 20.42 -0.80
N GLN A 314 -32.69 20.58 0.21
CA GLN A 314 -31.46 21.39 0.10
C GLN A 314 -30.24 20.52 -0.14
N ASP A 315 -29.42 20.88 -1.14
CA ASP A 315 -28.09 20.36 -1.29
C ASP A 315 -27.21 21.19 -0.36
N LEU A 316 -26.72 20.56 0.70
CA LEU A 316 -25.94 21.24 1.73
C LEU A 316 -24.55 21.68 1.26
N SER A 317 -24.09 21.18 0.12
CA SER A 317 -22.81 21.60 -0.47
C SER A 317 -22.85 22.91 -1.25
N GLU A 318 -24.03 23.49 -1.50
CA GLU A 318 -24.15 24.67 -2.37
C GLU A 318 -23.62 25.95 -1.73
N THR A 319 -22.72 26.63 -2.46
CA THR A 319 -22.14 27.91 -2.04
C THR A 319 -21.89 28.81 -3.25
N PRO A 320 -21.89 30.14 -3.05
CA PRO A 320 -21.46 31.06 -4.13
C PRO A 320 -19.94 31.12 -4.36
N CYS A 321 -19.16 30.45 -3.50
CA CYS A 321 -17.70 30.53 -3.55
C CYS A 321 -17.11 29.87 -4.79
N GLN A 322 -16.12 30.54 -5.38
CA GLN A 322 -15.48 30.12 -6.61
C GLN A 322 -13.98 30.02 -6.37
N ILE A 323 -13.36 28.91 -6.80
CA ILE A 323 -11.92 28.72 -6.65
C ILE A 323 -11.22 28.43 -8.00
N ASP A 324 -9.95 28.84 -8.10
CA ASP A 324 -9.07 28.49 -9.23
C ASP A 324 -7.72 27.98 -8.68
N LEU A 325 -7.13 26.97 -9.32
CA LEU A 325 -5.93 26.30 -8.79
C LEU A 325 -4.72 26.34 -9.72
N ALA A 326 -3.54 26.39 -9.12
CA ALA A 326 -2.27 26.28 -9.82
C ALA A 326 -1.30 25.45 -8.98
N THR A 327 -0.75 24.39 -9.59
CA THR A 327 0.26 23.53 -8.96
C THR A 327 1.58 24.29 -8.91
N ALA A 328 2.06 24.57 -7.69
CA ALA A 328 3.19 25.47 -7.46
C ALA A 328 4.51 24.73 -7.44
N SER A 329 4.59 23.70 -6.60
CA SER A 329 5.83 22.96 -6.39
C SER A 329 5.59 21.67 -5.63
N ILE A 330 6.58 20.79 -5.68
CA ILE A 330 6.52 19.49 -5.03
C ILE A 330 7.84 19.13 -4.35
N ASP A 331 7.76 18.38 -3.26
CA ASP A 331 8.90 17.61 -2.79
C ASP A 331 8.42 16.27 -2.21
N GLY A 332 9.37 15.39 -1.93
CA GLY A 332 9.07 14.08 -1.37
C GLY A 332 8.98 13.05 -2.46
N ALA A 333 8.36 11.92 -2.14
CA ALA A 333 8.46 10.73 -2.96
C ALA A 333 7.13 10.12 -3.38
N TRP A 334 7.17 9.40 -4.49
CA TRP A 334 6.07 8.56 -4.94
C TRP A 334 6.20 7.18 -4.31
N GLY A 335 5.08 6.46 -4.27
CA GLY A 335 5.03 5.09 -3.76
C GLY A 335 5.41 4.98 -2.30
N SER A 336 4.93 5.92 -1.49
CA SER A 336 5.42 6.07 -0.14
C SER A 336 4.30 6.36 0.86
N GLY A 337 4.38 5.72 2.03
CA GLY A 337 3.49 5.96 3.16
C GLY A 337 3.79 7.28 3.86
N VAL A 338 4.99 7.79 3.67
CA VAL A 338 5.35 9.12 4.13
C VAL A 338 4.82 10.09 3.08
N GLY A 339 5.16 9.82 1.82
CA GLY A 339 4.49 10.43 0.67
C GLY A 339 5.17 11.64 0.08
N PHE A 340 4.41 12.43 -0.69
CA PHE A 340 4.90 13.68 -1.28
C PHE A 340 4.10 14.89 -0.81
N ASN A 341 4.77 16.03 -0.84
CA ASN A 341 4.21 17.30 -0.42
C ASN A 341 3.99 18.16 -1.65
N LEU A 342 2.73 18.34 -2.03
CA LEU A 342 2.37 19.18 -3.18
C LEU A 342 1.89 20.55 -2.67
N VAL A 343 2.47 21.63 -3.22
CA VAL A 343 2.08 22.99 -2.87
C VAL A 343 1.13 23.54 -3.93
N CYS A 344 -0.01 24.09 -3.49
CA CYS A 344 -1.05 24.60 -4.39
C CYS A 344 -1.30 26.08 -4.14
N THR A 345 -1.31 26.88 -5.21
CA THR A 345 -1.80 28.26 -5.19
C THR A 345 -3.30 28.24 -5.47
N VAL A 346 -4.11 28.71 -4.54
CA VAL A 346 -5.58 28.62 -4.65
C VAL A 346 -6.21 30.00 -4.52
N SER A 347 -6.83 30.47 -5.60
CA SER A 347 -7.55 31.74 -5.64
C SER A 347 -8.96 31.55 -5.11
N LEU A 348 -9.42 32.43 -4.23
CA LEU A 348 -10.81 32.44 -3.79
C LEU A 348 -11.45 33.73 -4.22
N THR A 349 -12.61 33.60 -4.87
CA THR A 349 -13.43 34.73 -5.33
C THR A 349 -14.89 34.52 -4.92
N GLU A 350 -15.65 35.62 -4.93
CA GLU A 350 -17.09 35.63 -4.59
C GLU A 350 -17.38 35.38 -3.11
N CYS A 351 -16.36 35.34 -2.26
CA CYS A 351 -16.51 34.94 -0.86
C CYS A 351 -15.39 35.54 -0.02
N SER A 352 -15.73 35.91 1.21
CA SER A 352 -14.75 36.41 2.18
C SER A 352 -13.85 35.25 2.63
N ALA A 353 -14.49 34.16 3.07
CA ALA A 353 -13.79 32.94 3.48
C ALA A 353 -14.50 31.69 2.95
N PHE A 354 -13.77 30.58 2.90
CA PHE A 354 -14.27 29.32 2.32
C PHE A 354 -13.45 28.16 2.84
N LEU A 355 -14.13 27.17 3.43
CA LEU A 355 -13.50 25.93 3.85
C LEU A 355 -13.81 24.88 2.80
N THR A 356 -12.78 24.30 2.21
CA THR A 356 -12.96 23.33 1.15
C THR A 356 -11.82 22.30 1.12
N SER A 357 -12.03 21.24 0.35
CA SER A 357 -11.06 20.18 0.21
C SER A 357 -10.28 20.36 -1.10
N ILE A 358 -8.95 20.34 -1.00
CA ILE A 358 -8.04 20.46 -2.15
C ILE A 358 -7.26 19.15 -2.25
N LYS A 359 -7.25 18.55 -3.45
CA LYS A 359 -6.78 17.18 -3.65
C LYS A 359 -5.56 17.12 -4.56
N ALA A 360 -4.74 16.08 -4.38
CA ALA A 360 -3.59 15.83 -5.21
C ALA A 360 -3.90 14.65 -6.10
N CYS A 361 -3.89 14.88 -7.39
CA CYS A 361 -4.26 13.88 -8.31
C CYS A 361 -3.45 13.81 -9.57
N ASP A 362 -3.42 12.64 -10.17
CA ASP A 362 -2.83 12.47 -11.47
C ASP A 362 -3.99 12.34 -12.43
N ALA A 363 -3.79 11.73 -13.56
CA ALA A 363 -4.84 11.55 -14.55
C ALA A 363 -5.97 10.66 -14.08
N ALA A 364 -5.61 9.56 -13.49
CA ALA A 364 -6.54 8.53 -12.98
C ALA A 364 -7.15 8.91 -11.64
N MET A 365 -6.35 8.82 -10.57
CA MET A 365 -6.84 8.85 -9.19
C MET A 365 -6.29 10.03 -8.39
N CYS A 366 -6.90 10.28 -7.24
CA CYS A 366 -6.38 11.23 -6.25
C CYS A 366 -5.70 10.51 -5.08
N TYR A 367 -4.57 11.05 -4.64
CA TYR A 367 -3.69 10.37 -3.67
C TYR A 367 -3.70 11.00 -2.29
N GLY A 368 -4.61 11.94 -2.08
CA GLY A 368 -4.71 12.63 -0.79
C GLY A 368 -5.41 13.95 -0.95
N SER A 369 -5.84 14.52 0.18
CA SER A 369 -6.62 15.73 0.21
C SER A 369 -6.52 16.45 1.56
N THR A 370 -6.38 17.76 1.51
CA THR A 370 -6.26 18.62 2.68
C THR A 370 -7.48 19.52 2.81
N THR A 371 -7.89 19.79 4.04
CA THR A 371 -8.93 20.79 4.34
C THR A 371 -8.27 22.15 4.27
N ALA A 372 -8.63 22.96 3.28
CA ALA A 372 -8.10 24.34 3.14
C ALA A 372 -9.03 25.40 3.74
N ASN A 373 -8.48 26.24 4.60
CA ASN A 373 -9.18 27.40 5.16
C ASN A 373 -8.79 28.61 4.33
N LEU A 374 -9.60 28.94 3.33
CA LEU A 374 -9.27 29.98 2.36
C LEU A 374 -9.86 31.33 2.74
N VAL A 375 -9.12 32.38 2.43
CA VAL A 375 -9.62 33.75 2.50
C VAL A 375 -9.50 34.34 1.10
N ARG A 376 -10.30 35.37 0.81
CA ARG A 376 -10.35 36.00 -0.51
C ARG A 376 -8.95 36.30 -1.06
N GLY A 377 -8.74 35.99 -2.33
CA GLY A 377 -7.44 36.15 -3.00
C GLY A 377 -6.64 34.88 -3.02
N GLN A 378 -5.31 35.02 -3.07
CA GLN A 378 -4.39 33.89 -3.17
C GLN A 378 -4.16 33.19 -1.84
N ASN A 379 -3.96 31.87 -1.91
CA ASN A 379 -3.77 31.02 -0.75
C ASN A 379 -2.74 29.97 -1.12
N THR A 380 -1.77 29.73 -0.24
CA THR A 380 -0.82 28.64 -0.42
C THR A 380 -1.26 27.49 0.45
N ILE A 381 -1.55 26.35 -0.17
CA ILE A 381 -2.05 25.17 0.53
C ILE A 381 -1.09 24.01 0.27
N HIS A 382 -0.77 23.28 1.35
CA HIS A 382 0.04 22.07 1.25
C HIS A 382 -0.84 20.82 1.31
N ILE A 383 -0.51 19.84 0.47
CA ILE A 383 -1.17 18.53 0.48
C ILE A 383 -0.15 17.40 0.59
N VAL A 384 -0.43 16.40 1.42
CA VAL A 384 0.32 15.16 1.41
C VAL A 384 -0.42 14.17 0.52
N GLY A 385 0.26 13.68 -0.50
CA GLY A 385 -0.24 12.57 -1.31
C GLY A 385 0.56 11.33 -0.96
N LYS A 386 -0.13 10.17 -0.99
CA LYS A 386 0.50 8.88 -0.76
C LYS A 386 0.18 7.92 -1.92
N GLY A 387 1.18 7.56 -2.70
CA GLY A 387 1.02 6.63 -3.82
C GLY A 387 1.59 7.15 -5.11
N GLY A 388 1.12 6.60 -6.22
CA GLY A 388 1.66 6.88 -7.54
C GLY A 388 2.96 6.17 -7.83
N HIS A 389 3.48 6.40 -9.04
CA HIS A 389 4.70 5.75 -9.55
C HIS A 389 5.66 6.78 -10.21
N SER A 390 6.80 6.31 -10.73
CA SER A 390 7.85 7.16 -11.36
C SER A 390 7.33 8.30 -12.25
N GLY A 391 6.45 7.94 -13.18
CA GLY A 391 5.95 8.87 -14.18
C GLY A 391 4.78 9.75 -13.76
N SER A 392 4.11 9.42 -12.66
CA SER A 392 2.92 10.17 -12.23
C SER A 392 3.17 11.67 -12.14
N LYS A 393 2.29 12.45 -12.78
CA LYS A 393 2.34 13.91 -12.78
C LYS A 393 1.19 14.47 -11.92
N PHE A 394 1.50 14.79 -10.66
CA PHE A 394 0.48 15.17 -9.68
C PHE A 394 0.03 16.64 -9.82
N MET A 395 -1.28 16.85 -9.81
CA MET A 395 -1.90 18.14 -10.02
C MET A 395 -2.74 18.51 -8.79
N CYS A 396 -2.81 19.81 -8.51
CA CYS A 396 -3.77 20.35 -7.53
C CYS A 396 -5.16 20.35 -8.12
N CYS A 397 -6.13 19.77 -7.40
CA CYS A 397 -7.51 19.63 -7.86
C CYS A 397 -8.56 19.99 -6.82
N HIS A 398 -9.70 20.46 -7.31
CA HIS A 398 -10.89 20.74 -6.51
C HIS A 398 -12.13 20.35 -7.34
N ASP A 399 -13.02 19.58 -6.72
CA ASP A 399 -14.05 18.82 -7.43
C ASP A 399 -13.38 17.94 -8.49
N THR A 400 -13.64 18.21 -9.77
CA THR A 400 -12.94 17.52 -10.84
C THR A 400 -11.95 18.42 -11.59
N LYS A 401 -12.00 19.73 -11.34
CA LYS A 401 -11.11 20.69 -11.99
C LYS A 401 -9.72 20.55 -11.41
N CYS A 402 -8.75 20.26 -12.28
CA CYS A 402 -7.36 20.26 -11.91
C CYS A 402 -6.60 21.38 -12.61
N SER A 403 -5.55 21.86 -11.95
CA SER A 403 -4.50 22.60 -12.59
C SER A 403 -3.92 21.72 -13.69
N SER A 404 -3.66 22.32 -14.85
CA SER A 404 -3.03 21.59 -15.96
C SER A 404 -1.52 21.32 -15.72
N THR A 405 -0.92 22.01 -14.74
CA THR A 405 0.47 21.74 -14.36
C THR A 405 0.51 20.50 -13.46
N GLY A 406 1.31 19.51 -13.86
CA GLY A 406 1.54 18.29 -13.12
C GLY A 406 3.03 18.07 -12.86
N LEU A 407 3.34 17.57 -11.67
CA LEU A 407 4.71 17.47 -11.21
C LEU A 407 5.04 16.06 -10.74
N VAL A 408 6.14 15.56 -11.28
CA VAL A 408 6.71 14.26 -10.92
C VAL A 408 7.37 14.34 -9.52
N ALA A 409 7.25 13.28 -8.73
CA ALA A 409 7.94 13.18 -7.43
C ALA A 409 9.25 12.38 -7.57
N ALA A 410 10.03 12.30 -6.49
CA ALA A 410 11.31 11.56 -6.46
C ALA A 410 11.11 10.11 -6.01
N ALA A 411 12.06 9.24 -6.33
CA ALA A 411 11.97 7.83 -5.93
C ALA A 411 11.96 7.64 -4.40
N PRO A 412 11.19 6.66 -3.90
CA PRO A 412 11.18 6.41 -2.46
C PRO A 412 12.48 5.78 -1.94
N HIS A 413 12.90 6.17 -0.74
CA HIS A 413 14.03 5.52 -0.07
C HIS A 413 13.55 4.26 0.65
N LEU A 414 13.83 3.10 0.07
CA LEU A 414 13.43 1.80 0.64
C LEU A 414 14.61 0.82 0.73
N ASP A 415 15.78 1.32 1.14
CA ASP A 415 17.03 0.55 1.14
C ASP A 415 17.38 -0.03 2.52
N ARG A 416 17.92 -1.24 2.51
CA ARG A 416 18.47 -1.87 3.70
C ARG A 416 19.88 -1.43 3.82
N VAL A 417 20.40 -1.37 5.04
CA VAL A 417 21.81 -1.09 5.29
C VAL A 417 22.35 -2.27 6.10
N THR A 418 23.29 -3.02 5.51
CA THR A 418 23.78 -4.28 6.10
C THR A 418 25.24 -4.14 6.61
N GLY A 419 25.37 -3.53 7.80
CA GLY A 419 26.67 -3.30 8.45
C GLY A 419 27.10 -4.48 9.31
N TYR A 420 28.29 -5.02 9.00
CA TYR A 420 28.76 -6.33 9.51
C TYR A 420 28.57 -6.51 11.03
C1 NAG B . -8.73 -17.92 -0.36
C2 NAG B . -8.98 -19.36 -0.86
C3 NAG B . -8.32 -20.41 0.04
C4 NAG B . -6.85 -20.03 0.20
C5 NAG B . -6.81 -18.69 0.94
C6 NAG B . -5.43 -18.23 1.40
C7 NAG B . -11.17 -19.57 -2.08
C8 NAG B . -10.59 -19.57 -3.47
N2 NAG B . -10.42 -19.49 -0.97
O3 NAG B . -8.41 -21.71 -0.56
O4 NAG B . -6.10 -21.09 0.84
O5 NAG B . -7.37 -17.70 0.06
O6 NAG B . -4.56 -17.98 0.29
O7 NAG B . -12.37 -19.66 -1.95
C1 NAG B . -4.79 -21.28 0.23
C2 NAG B . -3.71 -21.35 1.32
C3 NAG B . -3.01 -22.71 1.40
C4 NAG B . -2.57 -23.28 0.04
C5 NAG B . -3.37 -22.65 -1.11
C6 NAG B . -3.42 -23.53 -2.36
C7 NAG B . -1.95 -19.81 2.10
C8 NAG B . -1.09 -18.66 1.67
N2 NAG B . -2.76 -20.25 1.14
O3 NAG B . -3.90 -23.64 2.05
O4 NAG B . -1.16 -23.07 -0.12
O5 NAG B . -4.72 -22.40 -0.66
O6 NAG B . -2.15 -23.50 -3.03
O7 NAG B . -1.90 -20.27 3.22
C1 BMA B . -0.34 -24.25 -0.34
C2 BMA B . 0.13 -24.86 1.00
C3 BMA B . 0.83 -26.21 0.83
C4 BMA B . 0.09 -27.12 -0.16
C5 BMA B . -0.13 -26.37 -1.47
C6 BMA B . -0.79 -27.22 -2.56
O2 BMA B . -0.96 -25.03 1.92
O3 BMA B . 0.96 -26.89 2.09
O4 BMA B . 0.84 -28.32 -0.37
O5 BMA B . -0.96 -25.23 -1.19
O6 BMA B . -1.00 -26.42 -3.72
S SO4 C . -14.23 15.93 -2.48
O1 SO4 C . -13.58 16.60 -3.63
O2 SO4 C . -15.36 16.77 -2.02
O3 SO4 C . -14.75 14.61 -2.92
O4 SO4 C . -13.26 15.75 -1.38
#